data_1LDQ
#
_entry.id   1LDQ
#
_cell.length_a   71.758
_cell.length_b   79.836
_cell.length_c   42.906
_cell.angle_alpha   90.00
_cell.angle_beta   90.00
_cell.angle_gamma   90.00
#
_symmetry.space_group_name_H-M   'P 21 21 2'
#
loop_
_entity.id
_entity.type
_entity.pdbx_description
1 polymer Avidin
2 non-polymer 2-acetamido-2-deoxy-beta-D-glucopyranose
3 non-polymer HOMOBIOTIN
4 water water
#
_entity_poly.entity_id   1
_entity_poly.type   'polypeptide(L)'
_entity_poly.pdbx_seq_one_letter_code
;ARKCSLTGKWTNDLGSNMTIGAVNSRGEFTGTYTTAVTATSNEIKESPLHGTENTINKRTQPTFGFTVNWKFSESTTVFT
GQCFIDRNGKEVLKTMWLLRSSVNDIGDDWKATRVGINIFTRLRTQKE
;
_entity_poly.pdbx_strand_id   A,B
#
loop_
_chem_comp.id
_chem_comp.type
_chem_comp.name
_chem_comp.formula
NAG D-saccharide, beta linking 2-acetamido-2-deoxy-beta-D-glucopyranose 'C8 H15 N O6'
SHM non-polymer HOMOBIOTIN 'C11 H18 N2 O3 S'
#
# COMPACT_ATOMS: atom_id res chain seq x y z
N CYS A 4 20.29 -4.63 11.08
CA CYS A 4 19.10 -5.04 10.27
C CYS A 4 19.55 -5.72 8.98
N SER A 5 19.62 -7.05 8.98
CA SER A 5 20.04 -7.79 7.80
C SER A 5 18.91 -8.67 7.28
N LEU A 6 18.81 -8.79 5.97
CA LEU A 6 17.74 -9.56 5.36
C LEU A 6 17.81 -11.06 5.56
N THR A 7 19.02 -11.57 5.79
CA THR A 7 19.19 -13.00 5.98
C THR A 7 18.33 -13.54 7.11
N GLY A 8 17.71 -14.70 6.88
CA GLY A 8 16.87 -15.27 7.91
C GLY A 8 15.49 -15.72 7.45
N LYS A 9 14.56 -15.80 8.41
CA LYS A 9 13.22 -16.24 8.11
C LYS A 9 12.16 -15.20 8.50
N TRP A 10 11.36 -14.77 7.53
CA TRP A 10 10.32 -13.78 7.78
C TRP A 10 8.92 -14.26 7.43
N THR A 11 7.93 -13.63 8.03
CA THR A 11 6.52 -13.94 7.79
C THR A 11 5.79 -12.60 7.76
N ASN A 12 4.56 -12.57 7.26
CA ASN A 12 3.83 -11.30 7.19
C ASN A 12 2.38 -11.27 7.68
N ASP A 13 1.73 -10.16 7.39
CA ASP A 13 0.34 -9.89 7.77
C ASP A 13 -0.65 -10.80 7.03
N LEU A 14 -0.37 -11.10 5.77
CA LEU A 14 -1.24 -12.00 5.01
C LEU A 14 -0.98 -13.41 5.51
N GLY A 15 0.25 -13.67 5.92
CA GLY A 15 0.59 -14.99 6.42
C GLY A 15 1.47 -15.77 5.45
N SER A 16 2.44 -15.08 4.84
CA SER A 16 3.36 -15.74 3.91
C SER A 16 4.75 -15.77 4.51
N ASN A 17 5.50 -16.84 4.24
CA ASN A 17 6.84 -16.94 4.77
C ASN A 17 7.83 -16.73 3.67
N MET A 18 8.98 -16.22 4.06
CA MET A 18 10.05 -15.91 3.14
C MET A 18 11.38 -16.27 3.78
N THR A 19 12.25 -16.90 3.01
CA THR A 19 13.56 -17.25 3.54
C THR A 19 14.57 -16.59 2.63
N ILE A 20 15.52 -15.90 3.24
CA ILE A 20 16.55 -15.22 2.48
C ILE A 20 17.91 -15.72 2.96
N GLY A 21 18.80 -16.00 2.02
CA GLY A 21 20.11 -16.48 2.37
C GLY A 21 21.10 -15.34 2.55
N ALA A 22 22.39 -15.68 2.57
CA ALA A 22 23.42 -14.68 2.73
C ALA A 22 23.50 -13.71 1.54
N VAL A 23 24.00 -12.51 1.80
CA VAL A 23 24.13 -11.51 0.75
C VAL A 23 25.61 -11.18 0.56
N ASN A 24 26.11 -11.35 -0.66
CA ASN A 24 27.53 -11.08 -0.93
C ASN A 24 27.90 -9.62 -0.71
N SER A 25 29.16 -9.31 -1.00
CA SER A 25 29.66 -7.95 -0.82
C SER A 25 29.03 -6.97 -1.79
N ARG A 26 28.30 -7.46 -2.78
CA ARG A 26 27.66 -6.58 -3.73
C ARG A 26 26.21 -6.31 -3.38
N GLY A 27 25.74 -6.96 -2.31
CA GLY A 27 24.36 -6.75 -1.89
C GLY A 27 23.35 -7.76 -2.41
N GLU A 28 23.78 -8.63 -3.31
CA GLU A 28 22.89 -9.64 -3.87
C GLU A 28 22.48 -10.69 -2.85
N PHE A 29 21.34 -11.33 -3.11
CA PHE A 29 20.84 -12.38 -2.24
C PHE A 29 19.74 -13.16 -2.94
N THR A 30 19.53 -14.39 -2.49
CA THR A 30 18.53 -15.27 -3.06
C THR A 30 17.70 -15.76 -1.89
N GLY A 31 16.52 -16.32 -2.20
CA GLY A 31 15.68 -16.82 -1.16
C GLY A 31 14.48 -17.56 -1.70
N THR A 32 13.61 -17.99 -0.80
CA THR A 32 12.41 -18.69 -1.21
C THR A 32 11.20 -17.92 -0.71
N TYR A 33 10.12 -17.98 -1.46
CA TYR A 33 8.90 -17.29 -1.07
C TYR A 33 7.78 -18.31 -0.98
N THR A 34 7.22 -18.44 0.22
CA THR A 34 6.17 -19.40 0.48
C THR A 34 4.83 -18.74 0.76
N THR A 35 3.78 -19.22 0.12
CA THR A 35 2.43 -18.69 0.33
C THR A 35 1.43 -19.80 0.05
N ALA A 36 0.48 -19.97 0.96
CA ALA A 36 -0.55 -20.98 0.80
C ALA A 36 -1.64 -20.43 -0.14
N ILE A 44 0.20 -25.02 -0.35
CA ILE A 44 1.25 -23.95 -0.43
C ILE A 44 2.19 -24.13 -1.64
N LYS A 45 2.77 -23.03 -2.11
CA LYS A 45 3.69 -23.07 -3.25
C LYS A 45 4.95 -22.23 -3.00
N GLU A 46 6.12 -22.82 -3.21
CA GLU A 46 7.40 -22.14 -3.02
C GLU A 46 7.95 -21.58 -4.31
N SER A 47 8.35 -20.31 -4.29
CA SER A 47 8.92 -19.66 -5.47
C SER A 47 10.27 -19.00 -5.16
N PRO A 48 11.19 -19.00 -6.13
CA PRO A 48 12.49 -18.37 -5.88
C PRO A 48 12.38 -16.84 -5.88
N LEU A 49 13.29 -16.23 -5.15
CA LEU A 49 13.35 -14.78 -4.99
C LEU A 49 14.80 -14.36 -5.25
N HIS A 50 14.97 -13.23 -5.94
CA HIS A 50 16.29 -12.72 -6.25
C HIS A 50 16.27 -11.22 -6.04
N GLY A 51 17.06 -10.75 -5.08
CA GLY A 51 17.08 -9.32 -4.81
C GLY A 51 18.45 -8.73 -4.58
N THR A 52 18.45 -7.48 -4.14
CA THR A 52 19.65 -6.73 -3.88
C THR A 52 19.36 -5.71 -2.81
N GLU A 53 20.36 -5.36 -2.01
CA GLU A 53 20.16 -4.36 -0.99
C GLU A 53 21.18 -3.27 -1.22
N ASN A 54 20.75 -2.04 -1.02
CA ASN A 54 21.62 -0.90 -1.23
C ASN A 54 22.68 -0.90 -0.14
N THR A 55 23.94 -0.84 -0.56
CA THR A 55 25.07 -0.85 0.35
C THR A 55 25.81 0.48 0.25
N ILE A 56 25.18 1.46 -0.38
CA ILE A 56 25.81 2.75 -0.56
C ILE A 56 26.42 3.39 0.68
N ASN A 57 25.72 3.38 1.81
CA ASN A 57 26.32 3.99 2.97
C ASN A 57 26.54 3.07 4.15
N LYS A 58 26.70 1.77 3.89
CA LYS A 58 26.88 0.82 4.98
C LYS A 58 25.81 1.14 6.04
N ARG A 59 24.64 1.54 5.55
CA ARG A 59 23.51 1.89 6.40
C ARG A 59 23.01 0.72 7.24
N THR A 60 22.62 1.02 8.47
CA THR A 60 22.12 0.00 9.38
C THR A 60 20.67 -0.33 9.08
N GLN A 61 20.01 0.56 8.36
CA GLN A 61 18.62 0.37 7.96
C GLN A 61 18.62 0.55 6.45
N PRO A 62 19.14 -0.47 5.75
CA PRO A 62 19.26 -0.52 4.31
C PRO A 62 17.96 -0.61 3.53
N THR A 63 17.98 0.03 2.38
CA THR A 63 16.87 0.06 1.46
C THR A 63 17.16 -1.20 0.61
N PHE A 64 16.13 -1.79 0.01
CA PHE A 64 16.33 -3.00 -0.80
C PHE A 64 15.17 -3.30 -1.75
N GLY A 65 15.40 -4.23 -2.65
CA GLY A 65 14.37 -4.63 -3.60
C GLY A 65 14.60 -6.04 -4.09
N PHE A 66 13.53 -6.75 -4.46
CA PHE A 66 13.68 -8.10 -4.97
C PHE A 66 12.49 -8.56 -5.82
N THR A 67 12.75 -9.52 -6.71
CA THR A 67 11.73 -10.04 -7.61
C THR A 67 11.37 -11.47 -7.30
N VAL A 68 10.08 -11.75 -7.21
CA VAL A 68 9.64 -13.11 -6.95
C VAL A 68 9.13 -13.70 -8.26
N ASN A 69 9.80 -14.74 -8.71
CA ASN A 69 9.45 -15.41 -9.96
C ASN A 69 8.47 -16.55 -9.68
N TRP A 70 7.17 -16.24 -9.73
CA TRP A 70 6.12 -17.23 -9.46
C TRP A 70 6.25 -18.54 -10.21
N LYS A 71 6.02 -19.64 -9.49
CA LYS A 71 6.12 -20.98 -10.07
C LYS A 71 4.77 -21.57 -10.47
N PHE A 72 3.70 -20.98 -10.00
CA PHE A 72 2.36 -21.47 -10.31
C PHE A 72 1.57 -20.46 -11.15
N SER A 73 2.28 -19.51 -11.78
CA SER A 73 1.63 -18.51 -12.63
C SER A 73 2.66 -17.82 -13.54
N GLU A 74 2.16 -17.06 -14.52
CA GLU A 74 3.01 -16.36 -15.45
C GLU A 74 3.16 -14.91 -14.97
N SER A 75 2.93 -14.70 -13.69
CA SER A 75 3.02 -13.38 -13.12
C SER A 75 4.36 -13.13 -12.47
N THR A 76 4.60 -11.88 -12.15
CA THR A 76 5.82 -11.47 -11.47
C THR A 76 5.41 -10.44 -10.41
N THR A 77 6.13 -10.44 -9.31
CA THR A 77 5.88 -9.50 -8.23
C THR A 77 7.22 -8.92 -7.78
N VAL A 78 7.28 -7.60 -7.66
CA VAL A 78 8.50 -6.94 -7.21
C VAL A 78 8.24 -6.26 -5.88
N PHE A 79 9.22 -6.30 -4.99
CA PHE A 79 9.05 -5.70 -3.67
C PHE A 79 10.17 -4.72 -3.40
N THR A 80 9.84 -3.58 -2.82
CA THR A 80 10.89 -2.66 -2.45
C THR A 80 10.55 -2.23 -1.04
N GLY A 81 11.55 -1.73 -0.32
CA GLY A 81 11.29 -1.32 1.05
C GLY A 81 12.53 -1.05 1.85
N GLN A 82 12.36 -1.04 3.17
CA GLN A 82 13.47 -0.75 4.05
C GLN A 82 13.39 -1.59 5.32
N CYS A 83 14.56 -2.06 5.77
CA CYS A 83 14.68 -2.88 6.98
C CYS A 83 14.79 -1.91 8.16
N PHE A 84 13.73 -1.82 8.95
CA PHE A 84 13.71 -0.93 10.11
C PHE A 84 13.88 -1.66 11.43
N ILE A 85 14.63 -1.05 12.35
CA ILE A 85 14.82 -1.60 13.69
C ILE A 85 13.71 -0.93 14.50
N ASP A 86 12.53 -1.54 14.52
CA ASP A 86 11.38 -1.00 15.23
C ASP A 86 11.66 -0.67 16.70
N GLY A 89 14.60 -2.07 18.63
CA GLY A 89 14.07 -3.33 19.23
C GLY A 89 14.02 -4.48 18.22
N LYS A 90 12.81 -4.75 17.74
CA LYS A 90 12.61 -5.83 16.76
C LYS A 90 12.89 -5.36 15.33
N GLU A 91 13.35 -6.27 14.48
CA GLU A 91 13.62 -5.94 13.09
C GLU A 91 12.33 -6.10 12.31
N VAL A 92 11.91 -5.03 11.64
CA VAL A 92 10.69 -5.11 10.84
C VAL A 92 11.00 -4.70 9.42
N LEU A 93 10.31 -5.31 8.46
CA LEU A 93 10.50 -4.99 7.06
C LEU A 93 9.23 -4.36 6.52
N LYS A 94 9.30 -3.10 6.12
CA LYS A 94 8.13 -2.46 5.56
C LYS A 94 8.33 -2.43 4.07
N THR A 95 7.40 -3.04 3.33
CA THR A 95 7.49 -3.07 1.88
C THR A 95 6.22 -2.65 1.15
N MET A 96 6.40 -2.42 -0.15
CA MET A 96 5.34 -2.04 -1.06
C MET A 96 5.69 -2.91 -2.24
N TRP A 97 4.68 -3.38 -2.95
CA TRP A 97 4.93 -4.25 -4.08
C TRP A 97 4.05 -3.94 -5.30
N LEU A 98 4.46 -4.48 -6.44
CA LEU A 98 3.72 -4.34 -7.68
C LEU A 98 3.57 -5.76 -8.20
N LEU A 99 2.33 -6.14 -8.51
CA LEU A 99 2.06 -7.48 -9.02
C LEU A 99 1.66 -7.35 -10.49
N ARG A 100 2.55 -7.78 -11.37
CA ARG A 100 2.28 -7.71 -12.79
C ARG A 100 1.64 -8.99 -13.32
N SER A 101 0.49 -8.85 -13.96
CA SER A 101 -0.18 -10.00 -14.54
C SER A 101 0.22 -10.01 -15.99
N SER A 102 0.14 -11.17 -16.63
CA SER A 102 0.50 -11.24 -18.04
C SER A 102 -0.77 -11.19 -18.90
N VAL A 103 -0.87 -10.22 -19.79
CA VAL A 103 -2.04 -10.14 -20.67
C VAL A 103 -1.59 -10.53 -22.07
N ASN A 104 -2.51 -11.07 -22.86
CA ASN A 104 -2.18 -11.51 -24.22
C ASN A 104 -1.86 -10.40 -25.20
N ASP A 105 -2.57 -9.27 -25.11
CA ASP A 105 -2.33 -8.16 -26.03
C ASP A 105 -1.94 -6.88 -25.34
N ILE A 106 -1.07 -6.11 -25.98
CA ILE A 106 -0.60 -4.84 -25.44
C ILE A 106 -1.76 -3.87 -25.25
N GLY A 107 -2.94 -4.23 -25.75
CA GLY A 107 -4.10 -3.37 -25.61
C GLY A 107 -4.64 -3.37 -24.18
N ASP A 108 -4.54 -4.51 -23.51
CA ASP A 108 -5.02 -4.64 -22.12
C ASP A 108 -3.98 -4.27 -21.06
N ASP A 109 -2.73 -4.06 -21.48
CA ASP A 109 -1.65 -3.71 -20.56
C ASP A 109 -2.09 -2.80 -19.39
N TRP A 110 -2.89 -1.78 -19.68
CA TRP A 110 -3.38 -0.82 -18.68
C TRP A 110 -3.92 -1.40 -17.38
N LYS A 111 -4.55 -2.57 -17.46
CA LYS A 111 -5.14 -3.20 -16.29
C LYS A 111 -4.29 -4.31 -15.69
N ALA A 112 -3.04 -4.42 -16.12
CA ALA A 112 -2.19 -5.51 -15.64
C ALA A 112 -1.35 -5.30 -14.39
N THR A 113 -1.49 -4.18 -13.71
CA THR A 113 -0.65 -3.99 -12.53
C THR A 113 -1.34 -3.63 -11.24
N ARG A 114 -1.14 -4.48 -10.24
CA ARG A 114 -1.71 -4.27 -8.91
C ARG A 114 -0.61 -3.78 -7.98
N VAL A 115 -0.99 -2.95 -7.01
CA VAL A 115 -0.03 -2.43 -6.06
C VAL A 115 -0.59 -2.73 -4.67
N GLY A 116 0.29 -2.82 -3.67
CA GLY A 116 -0.14 -3.12 -2.31
C GLY A 116 1.00 -3.06 -1.32
N ILE A 117 0.69 -3.31 -0.05
CA ILE A 117 1.67 -3.26 1.03
C ILE A 117 1.97 -4.63 1.67
N ASN A 118 2.98 -4.65 2.52
CA ASN A 118 3.35 -5.87 3.23
C ASN A 118 4.39 -5.63 4.29
N ILE A 119 4.05 -5.98 5.54
CA ILE A 119 4.97 -5.80 6.65
C ILE A 119 5.46 -7.17 7.09
N PHE A 120 6.77 -7.37 7.03
CA PHE A 120 7.39 -8.63 7.41
C PHE A 120 8.03 -8.56 8.78
N THR A 121 7.97 -9.67 9.47
CA THR A 121 8.54 -9.74 10.80
C THR A 121 9.33 -11.04 10.88
N ARG A 122 10.33 -11.07 11.77
CA ARG A 122 11.16 -12.26 11.94
C ARG A 122 10.35 -13.45 12.41
N LEU A 123 10.32 -14.48 11.57
CA LEU A 123 9.59 -15.69 11.89
C LEU A 123 10.29 -16.41 13.02
N LYS B 3 -24.74 -2.92 7.36
CA LYS B 3 -24.22 -2.03 6.29
C LYS B 3 -23.08 -1.14 6.80
N CYS B 4 -22.05 -1.01 5.98
CA CYS B 4 -20.88 -0.20 6.31
C CYS B 4 -21.05 1.20 5.76
N SER B 5 -21.18 2.17 6.66
CA SER B 5 -21.39 3.56 6.29
C SER B 5 -20.12 4.42 6.38
N LEU B 6 -19.94 5.32 5.42
CA LEU B 6 -18.77 6.20 5.39
C LEU B 6 -18.97 7.33 6.39
N THR B 7 -20.19 7.83 6.42
CA THR B 7 -20.60 8.91 7.29
C THR B 7 -20.11 8.75 8.72
N GLY B 8 -19.46 9.77 9.27
CA GLY B 8 -18.97 9.70 10.63
C GLY B 8 -17.57 10.23 10.89
N LYS B 9 -16.97 9.79 12.00
CA LYS B 9 -15.61 10.21 12.35
C LYS B 9 -14.70 9.00 12.35
N TRP B 10 -13.57 9.13 11.66
CA TRP B 10 -12.63 8.04 11.58
C TRP B 10 -11.25 8.49 12.01
N THR B 11 -10.40 7.51 12.25
CA THR B 11 -9.04 7.77 12.65
C THR B 11 -8.20 6.66 12.03
N ASN B 12 -6.92 6.92 11.80
CA ASN B 12 -6.08 5.90 11.20
C ASN B 12 -4.83 5.52 11.95
N ASP B 13 -4.04 4.67 11.29
CA ASP B 13 -2.79 4.15 11.81
C ASP B 13 -1.69 5.20 11.92
N LEU B 14 -1.85 6.32 11.23
CA LEU B 14 -0.85 7.37 11.24
C LEU B 14 -1.13 8.46 12.26
N GLY B 15 -2.30 8.42 12.88
CA GLY B 15 -2.65 9.44 13.85
C GLY B 15 -3.60 10.50 13.31
N SER B 16 -3.83 10.50 12.00
CA SER B 16 -4.73 11.47 11.39
C SER B 16 -6.19 11.11 11.60
N ASN B 17 -7.05 12.13 11.74
CA ASN B 17 -8.47 11.88 11.93
C ASN B 17 -9.25 12.43 10.76
N MET B 18 -10.44 11.90 10.55
CA MET B 18 -11.27 12.32 9.43
C MET B 18 -12.76 12.27 9.74
N THR B 19 -13.47 13.30 9.32
CA THR B 19 -14.91 13.39 9.55
C THR B 19 -15.62 13.49 8.22
N ILE B 20 -16.67 12.69 8.05
CA ILE B 20 -17.43 12.68 6.81
C ILE B 20 -18.89 12.95 7.05
N GLY B 21 -19.47 13.80 6.21
CA GLY B 21 -20.87 14.13 6.36
C GLY B 21 -21.77 13.08 5.76
N ALA B 22 -23.06 13.39 5.68
CA ALA B 22 -24.04 12.47 5.12
C ALA B 22 -23.73 12.36 3.65
N VAL B 23 -24.14 11.25 3.05
CA VAL B 23 -23.90 11.08 1.63
C VAL B 23 -25.26 11.04 0.95
N ASN B 24 -25.47 11.94 0.00
CA ASN B 24 -26.74 12.03 -0.71
C ASN B 24 -27.02 10.80 -1.57
N SER B 25 -28.06 10.90 -2.39
CA SER B 25 -28.46 9.80 -3.27
C SER B 25 -27.47 9.60 -4.42
N ARG B 26 -26.84 10.67 -4.86
CA ARG B 26 -25.85 10.60 -5.93
C ARG B 26 -24.56 9.96 -5.41
N GLY B 27 -24.58 9.55 -4.15
CA GLY B 27 -23.42 8.94 -3.52
C GLY B 27 -22.37 9.96 -3.10
N GLU B 28 -22.69 11.23 -3.27
CA GLU B 28 -21.75 12.29 -2.93
C GLU B 28 -21.65 12.58 -1.45
N PHE B 29 -20.55 13.21 -1.05
CA PHE B 29 -20.33 13.56 0.33
C PHE B 29 -19.09 14.44 0.49
N THR B 30 -19.05 15.17 1.60
CA THR B 30 -17.94 16.06 1.89
C THR B 30 -17.54 15.83 3.33
N GLY B 31 -16.44 16.44 3.74
CA GLY B 31 -16.00 16.28 5.10
C GLY B 31 -14.72 17.05 5.36
N THR B 32 -14.00 16.61 6.38
CA THR B 32 -12.77 17.26 6.76
C THR B 32 -11.72 16.24 7.13
N TYR B 33 -10.48 16.57 6.82
CA TYR B 33 -9.35 15.70 7.12
C TYR B 33 -8.44 16.46 8.07
N THR B 34 -8.19 15.86 9.24
CA THR B 34 -7.36 16.48 10.26
C THR B 34 -6.10 15.67 10.46
N THR B 35 -4.95 16.35 10.44
CA THR B 35 -3.68 15.68 10.65
C THR B 35 -2.65 16.62 11.31
N ALA B 36 -1.86 16.07 12.21
CA ALA B 36 -0.83 16.85 12.90
C ALA B 36 0.35 17.04 11.95
N GLU B 46 -6.07 21.15 9.18
CA GLU B 46 -7.43 20.86 8.63
C GLU B 46 -7.57 21.25 7.16
N SER B 47 -8.09 20.32 6.37
CA SER B 47 -8.29 20.53 4.94
C SER B 47 -9.61 19.87 4.54
N PRO B 48 -10.33 20.45 3.58
CA PRO B 48 -11.59 19.86 3.15
C PRO B 48 -11.39 18.71 2.19
N LEU B 49 -12.36 17.81 2.12
CA LEU B 49 -12.29 16.73 1.17
C LEU B 49 -13.68 16.56 0.55
N HIS B 50 -13.70 16.08 -0.68
CA HIS B 50 -14.95 15.87 -1.40
C HIS B 50 -14.81 14.53 -2.08
N GLY B 51 -15.79 13.66 -1.87
CA GLY B 51 -15.72 12.36 -2.50
C GLY B 51 -17.03 11.79 -2.98
N THR B 52 -16.94 10.56 -3.46
CA THR B 52 -18.09 9.84 -3.97
C THR B 52 -18.03 8.40 -3.47
N GLU B 53 -19.19 7.78 -3.37
CA GLU B 53 -19.31 6.40 -2.95
C GLU B 53 -20.01 5.72 -4.11
N ASN B 54 -19.62 4.48 -4.42
CA ASN B 54 -20.25 3.81 -5.54
C ASN B 54 -21.61 3.27 -5.14
N THR B 55 -22.65 3.70 -5.86
CA THR B 55 -24.02 3.29 -5.57
C THR B 55 -24.54 2.11 -6.36
N ILE B 56 -24.03 1.94 -7.57
CA ILE B 56 -24.45 0.86 -8.46
C ILE B 56 -25.35 -0.22 -7.84
N ASN B 57 -24.79 -1.37 -7.44
CA ASN B 57 -25.66 -2.40 -6.87
C ASN B 57 -25.99 -2.19 -5.39
N LYS B 58 -26.01 -0.93 -4.97
CA LYS B 58 -26.30 -0.57 -3.58
C LYS B 58 -25.87 -1.70 -2.63
N ARG B 59 -24.56 -1.83 -2.46
CA ARG B 59 -23.96 -2.86 -1.63
C ARG B 59 -23.73 -2.46 -0.17
N THR B 60 -23.50 -3.46 0.67
CA THR B 60 -23.27 -3.22 2.09
C THR B 60 -21.85 -2.72 2.33
N GLN B 61 -20.91 -3.16 1.50
CA GLN B 61 -19.53 -2.74 1.64
C GLN B 61 -19.11 -1.95 0.39
N PRO B 62 -19.50 -0.67 0.36
CA PRO B 62 -19.22 0.26 -0.74
C PRO B 62 -17.76 0.50 -1.05
N THR B 63 -17.54 0.87 -2.30
CA THR B 63 -16.23 1.20 -2.81
C THR B 63 -16.37 2.72 -2.83
N PHE B 64 -15.26 3.45 -2.84
CA PHE B 64 -15.36 4.90 -2.85
C PHE B 64 -14.04 5.58 -3.15
N GLY B 65 -14.08 6.91 -3.20
CA GLY B 65 -12.88 7.67 -3.49
C GLY B 65 -13.10 9.13 -3.16
N PHE B 66 -12.06 9.80 -2.67
CA PHE B 66 -12.21 11.20 -2.37
C PHE B 66 -10.91 11.92 -2.55
N THR B 67 -11.02 13.23 -2.72
CA THR B 67 -9.87 14.08 -2.92
C THR B 67 -9.71 14.98 -1.72
N VAL B 68 -8.46 15.19 -1.33
CA VAL B 68 -8.18 16.08 -0.22
C VAL B 68 -7.45 17.28 -0.77
N ASN B 69 -8.14 18.42 -0.77
CA ASN B 69 -7.56 19.66 -1.25
C ASN B 69 -6.76 20.22 -0.08
N TRP B 70 -5.45 19.95 -0.07
CA TRP B 70 -4.61 20.44 1.02
C TRP B 70 -4.65 21.96 1.14
N LYS B 71 -4.86 22.44 2.36
CA LYS B 71 -4.92 23.87 2.57
C LYS B 71 -3.64 24.44 3.16
N PHE B 72 -2.63 23.59 3.35
CA PHE B 72 -1.35 24.06 3.88
C PHE B 72 -0.20 23.85 2.89
N SER B 73 -0.53 23.38 1.69
CA SER B 73 0.47 23.19 0.61
C SER B 73 -0.25 23.02 -0.74
N GLU B 74 0.51 23.08 -1.83
CA GLU B 74 -0.10 22.95 -3.14
C GLU B 74 -0.09 21.52 -3.70
N SER B 75 -0.11 20.54 -2.80
CA SER B 75 -0.13 19.13 -3.19
C SER B 75 -1.56 18.65 -3.14
N THR B 76 -1.80 17.45 -3.66
CA THR B 76 -3.12 16.85 -3.64
C THR B 76 -3.03 15.36 -3.36
N THR B 77 -3.95 14.86 -2.55
CA THR B 77 -3.98 13.45 -2.23
C THR B 77 -5.34 12.89 -2.59
N VAL B 78 -5.37 11.68 -3.11
CA VAL B 78 -6.61 11.03 -3.44
C VAL B 78 -6.59 9.65 -2.80
N PHE B 79 -7.66 9.29 -2.13
CA PHE B 79 -7.75 7.99 -1.50
C PHE B 79 -8.85 7.22 -2.19
N THR B 80 -8.73 5.91 -2.15
CA THR B 80 -9.75 5.07 -2.72
C THR B 80 -9.66 3.80 -1.91
N GLY B 81 -10.79 3.11 -1.75
CA GLY B 81 -10.79 1.89 -0.98
C GLY B 81 -12.20 1.37 -0.87
N GLN B 82 -12.42 0.50 0.10
CA GLN B 82 -13.72 -0.11 0.31
C GLN B 82 -14.09 -0.06 1.80
N CYS B 83 -15.39 0.00 2.10
CA CYS B 83 -15.86 0.04 3.49
C CYS B 83 -16.19 -1.40 3.82
N PHE B 84 -15.44 -1.96 4.78
CA PHE B 84 -15.64 -3.35 5.17
C PHE B 84 -16.23 -3.55 6.56
N ILE B 85 -16.86 -4.71 6.73
CA ILE B 85 -17.36 -5.12 8.02
C ILE B 85 -16.29 -6.15 8.31
N ASP B 86 -15.44 -5.87 9.28
CA ASP B 86 -14.36 -6.77 9.63
C ASP B 86 -14.91 -8.10 10.18
N ARG B 87 -14.02 -9.06 10.45
CA ARG B 87 -14.43 -10.36 10.98
C ARG B 87 -14.92 -10.18 12.42
N ASN B 88 -14.31 -9.25 13.14
CA ASN B 88 -14.70 -8.98 14.52
C ASN B 88 -15.99 -8.16 14.54
N GLY B 89 -16.61 -8.03 13.37
CA GLY B 89 -17.85 -7.29 13.28
C GLY B 89 -17.73 -5.78 13.18
N LYS B 90 -16.52 -5.25 13.26
CA LYS B 90 -16.34 -3.80 13.19
C LYS B 90 -16.15 -3.23 11.79
N GLU B 91 -16.50 -1.97 11.63
CA GLU B 91 -16.33 -1.28 10.35
C GLU B 91 -14.90 -0.82 10.26
N VAL B 92 -14.29 -1.05 9.10
CA VAL B 92 -12.92 -0.63 8.86
C VAL B 92 -12.84 -0.17 7.42
N LEU B 93 -12.04 0.86 7.17
CA LEU B 93 -11.87 1.38 5.82
C LEU B 93 -10.47 1.06 5.34
N LYS B 94 -10.37 0.23 4.31
CA LYS B 94 -9.06 -0.10 3.74
C LYS B 94 -8.87 0.86 2.58
N THR B 95 -7.81 1.64 2.59
CA THR B 95 -7.64 2.58 1.50
C THR B 95 -6.20 2.71 1.05
N MET B 96 -6.05 3.10 -0.21
CA MET B 96 -4.74 3.36 -0.75
C MET B 96 -4.84 4.76 -1.33
N TRP B 97 -3.75 5.50 -1.27
CA TRP B 97 -3.76 6.86 -1.77
C TRP B 97 -2.57 7.18 -2.65
N LEU B 98 -2.70 8.28 -3.38
CA LEU B 98 -1.65 8.78 -4.24
C LEU B 98 -1.54 10.21 -3.80
N LEU B 99 -0.31 10.65 -3.52
CA LEU B 99 -0.07 12.01 -3.11
C LEU B 99 0.70 12.70 -4.22
N ARG B 100 0.05 13.62 -4.91
CA ARG B 100 0.68 14.37 -5.99
C ARG B 100 1.22 15.71 -5.49
N SER B 101 2.53 15.89 -5.61
CA SER B 101 3.16 17.14 -5.23
C SER B 101 3.30 17.93 -6.54
N SER B 102 3.35 19.26 -6.46
CA SER B 102 3.47 20.05 -7.68
C SER B 102 4.91 20.36 -8.04
N VAL B 103 5.23 20.24 -9.32
CA VAL B 103 6.57 20.52 -9.82
C VAL B 103 6.49 21.62 -10.87
N ASN B 104 7.60 22.32 -11.09
CA ASN B 104 7.64 23.42 -12.05
C ASN B 104 7.77 23.02 -13.50
N ASP B 105 8.72 22.14 -13.82
CA ASP B 105 8.88 21.72 -15.20
C ASP B 105 8.30 20.33 -15.45
N ILE B 106 7.63 20.20 -16.59
CA ILE B 106 6.99 18.96 -16.98
C ILE B 106 8.02 17.84 -17.14
N GLY B 107 9.24 18.10 -16.70
CA GLY B 107 10.30 17.11 -16.79
C GLY B 107 10.58 16.46 -15.44
N ASP B 108 10.17 17.14 -14.38
CA ASP B 108 10.35 16.61 -13.03
C ASP B 108 9.11 15.82 -12.67
N ASP B 109 8.17 15.78 -13.60
CA ASP B 109 6.91 15.08 -13.40
C ASP B 109 7.08 13.62 -12.99
N TRP B 110 8.10 12.96 -13.53
CA TRP B 110 8.31 11.55 -13.22
C TRP B 110 8.42 11.25 -11.72
N LYS B 111 8.67 12.27 -10.91
CA LYS B 111 8.82 12.03 -9.47
C LYS B 111 7.81 12.74 -8.57
N ALA B 112 6.74 13.24 -9.14
CA ALA B 112 5.76 13.96 -8.34
C ALA B 112 4.78 13.08 -7.58
N THR B 113 4.68 11.80 -7.94
CA THR B 113 3.72 10.93 -7.30
C THR B 113 4.18 9.87 -6.30
N ARG B 114 3.66 9.97 -5.08
CA ARG B 114 3.97 9.00 -4.03
C ARG B 114 2.73 8.13 -3.82
N VAL B 115 2.93 6.91 -3.35
CA VAL B 115 1.82 6.00 -3.12
C VAL B 115 1.92 5.40 -1.72
N GLY B 116 0.77 5.11 -1.11
CA GLY B 116 0.76 4.53 0.21
C GLY B 116 -0.58 3.95 0.62
N ILE B 117 -0.71 3.58 1.90
CA ILE B 117 -1.96 3.02 2.40
C ILE B 117 -2.41 3.71 3.66
N ASN B 118 -3.65 3.43 4.07
CA ASN B 118 -4.18 4.00 5.28
C ASN B 118 -5.42 3.24 5.69
N ILE B 119 -5.41 2.79 6.94
CA ILE B 119 -6.52 2.03 7.48
C ILE B 119 -7.27 2.88 8.50
N PHE B 120 -8.58 3.00 8.32
CA PHE B 120 -9.38 3.81 9.23
C PHE B 120 -10.34 2.97 10.03
N THR B 121 -10.59 3.42 11.26
CA THR B 121 -11.52 2.76 12.16
C THR B 121 -12.29 3.91 12.80
N ARG B 122 -13.54 3.68 13.19
CA ARG B 122 -14.38 4.72 13.78
C ARG B 122 -13.85 5.22 15.12
N LEU B 123 -14.06 6.52 15.36
CA LEU B 123 -13.63 7.17 16.58
C LEU B 123 -14.62 6.97 17.72
C1 NAG C . 5.34 -20.77 7.36
C2 NAG C . 3.94 -21.40 7.31
C3 NAG C . 3.31 -21.49 8.68
C4 NAG C . 4.36 -22.01 9.66
C5 NAG C . 5.54 -21.01 9.75
C6 NAG C . 6.90 -21.68 9.85
C7 NAG C . 3.14 -20.92 5.10
C8 NAG C . 2.23 -20.13 4.18
N2 NAG C . 3.08 -20.66 6.41
O3 NAG C . 2.20 -22.36 8.65
O4 NAG C . 3.80 -22.19 10.93
O5 NAG C . 5.56 -20.11 8.61
O6 NAG C . 7.37 -21.72 11.20
O7 NAG C . 3.88 -21.78 4.64
C1 SHM D . 0.84 -10.22 -2.53
C2 SHM D . 0.26 -11.63 -2.80
N3 SHM D . 0.89 -12.43 -1.75
C4 SHM D . 1.70 -11.65 -0.96
N5 SHM D . 1.70 -10.36 -1.38
C6 SHM D . 0.63 -12.06 -4.31
S7 SHM D . 2.16 -11.09 -4.63
C8 SHM D . 1.60 -9.60 -3.74
C9 SHM D . 0.72 -13.62 -4.58
C10 SHM D . 1.05 -14.11 -6.02
C11 SHM D . -0.08 -13.76 -7.00
C12 SHM D . -0.57 -14.98 -7.78
C13 SHM D . -1.74 -14.52 -8.70
C14 SHM D . -3.07 -14.38 -7.92
O15 SHM D . -3.77 -13.19 -7.95
O16 SHM D . -3.54 -15.32 -7.23
O17 SHM D . 2.35 -12.08 0.02
C1 NAG E . -8.26 13.08 16.47
C2 NAG E . -7.17 13.64 17.40
C3 NAG E . -6.99 12.82 18.68
C4 NAG E . -8.31 12.48 19.40
C5 NAG E . -9.49 12.40 18.44
C6 NAG E . -10.30 13.68 18.35
C7 NAG E . -5.74 14.46 15.62
C8 NAG E . -4.39 14.41 14.92
N2 NAG E . -5.91 13.66 16.67
O3 NAG E . -6.16 13.56 19.58
O4 NAG E . -8.16 11.21 20.02
O5 NAG E . -9.04 12.05 17.12
O6 NAG E . -10.00 14.57 19.42
O7 NAG E . -6.62 15.21 15.20
C1 SHM F . -0.81 10.49 3.83
C2 SHM F . -0.10 11.67 4.55
N3 SHM F . -0.90 11.80 5.80
C4 SHM F . -1.89 10.85 5.83
N5 SHM F . -1.89 10.08 4.72
C6 SHM F . -0.15 12.96 3.59
S7 SHM F . -1.68 12.62 2.63
C8 SHM F . -1.36 10.84 2.42
C9 SHM F . -0.04 14.38 4.33
C10 SHM F . -0.07 15.68 3.47
C11 SHM F . 1.07 15.76 2.43
C12 SHM F . 2.04 16.92 2.74
C13 SHM F . 3.18 16.95 1.65
C14 SHM F . 4.52 16.31 2.14
O15 SHM F . 5.24 15.49 1.31
O16 SHM F . 4.97 16.53 3.28
O17 SHM F . -2.72 10.73 6.76
#